data_2ZUA
#
_entry.id   2ZUA
#
_cell.length_a   73.571
_cell.length_b   73.571
_cell.length_c   214.271
_cell.angle_alpha   90.00
_cell.angle_beta   90.00
_cell.angle_gamma   120.00
#
_symmetry.space_group_name_H-M   'P 63'
#
loop_
_entity.id
_entity.type
_entity.pdbx_description
1 polymer 'Nucleoside diphosphate kinase'
2 water water
#
_entity_poly.entity_id   1
_entity_poly.type   'polypeptide(L)'
_entity_poly.pdbx_seq_one_letter_code
;MGSSHHHHHHSSGLVPRGSHMSEHERTFVMVKPDGVQRGLIGDIVSRFEDRGLKMVGGKFMQIDQELAEEHYGEHEDKPF
FDGLVDFITSGPVFAMVWEGQDATRQVRTMMGETDPAESAPGTIRGDYGLDLGRNVIHGSDHEDEGANEREIELFFDEDE
LVDWDQIDSSWLYE
;
_entity_poly.pdbx_strand_id   A,B,C,D
#
# COMPACT_ATOMS: atom_id res chain seq x y z
N SER A 22 -22.10 -6.06 -0.51
CA SER A 22 -21.20 -7.13 0.01
C SER A 22 -22.01 -8.22 0.68
N GLU A 23 -22.05 -8.09 2.01
CA GLU A 23 -22.60 -9.06 2.96
C GLU A 23 -21.88 -10.40 3.00
N HIS A 24 -21.52 -10.91 1.82
CA HIS A 24 -20.83 -12.18 1.74
C HIS A 24 -19.37 -12.01 1.25
N GLU A 25 -18.93 -10.77 1.11
CA GLU A 25 -17.52 -10.48 0.85
C GLU A 25 -16.61 -11.24 1.83
N ARG A 26 -15.47 -11.71 1.32
CA ARG A 26 -14.51 -12.46 2.12
C ARG A 26 -13.11 -11.87 2.04
N THR A 27 -12.34 -12.07 3.12
CA THR A 27 -10.99 -11.52 3.19
C THR A 27 -10.06 -12.55 3.82
N PHE A 28 -8.80 -12.59 3.35
CA PHE A 28 -7.80 -13.48 3.91
C PHE A 28 -7.02 -12.76 5.02
N VAL A 29 -6.90 -13.43 6.15
CA VAL A 29 -6.22 -12.88 7.30
C VAL A 29 -5.40 -14.01 7.90
N MET A 30 -4.21 -13.68 8.38
CA MET A 30 -3.45 -14.66 9.12
C MET A 30 -2.65 -14.02 10.24
N VAL A 31 -2.63 -14.72 11.37
CA VAL A 31 -1.73 -14.40 12.46
C VAL A 31 -0.33 -14.90 12.08
N LYS A 32 0.60 -13.97 11.91
CA LYS A 32 1.95 -14.29 11.50
C LYS A 32 2.67 -15.04 12.63
N PRO A 33 3.83 -15.63 12.33
CA PRO A 33 4.52 -16.44 13.33
C PRO A 33 4.89 -15.71 14.64
N ASP A 34 5.10 -14.40 14.57
CA ASP A 34 5.38 -13.64 15.81
C ASP A 34 4.13 -13.66 16.69
N GLY A 35 2.99 -13.26 16.12
CA GLY A 35 1.71 -13.28 16.83
C GLY A 35 1.35 -14.64 17.37
N VAL A 36 1.67 -15.70 16.63
CA VAL A 36 1.44 -17.07 17.09
C VAL A 36 2.32 -17.41 18.30
N GLN A 37 3.60 -17.07 18.21
CA GLN A 37 4.56 -17.36 19.29
C GLN A 37 4.15 -16.66 20.57
N ARG A 38 3.71 -15.42 20.45
CA ARG A 38 3.35 -14.60 21.61
C ARG A 38 1.93 -14.85 22.16
N GLY A 39 1.23 -15.83 21.61
CA GLY A 39 -0.03 -16.27 22.21
C GLY A 39 -1.17 -15.28 22.02
N LEU A 40 -1.34 -14.82 20.79
CA LEU A 40 -2.30 -13.78 20.44
C LEU A 40 -3.42 -14.25 19.49
N ILE A 41 -3.50 -15.55 19.25
CA ILE A 41 -4.50 -16.08 18.31
C ILE A 41 -5.93 -15.83 18.80
N GLY A 42 -6.21 -16.16 20.06
CA GLY A 42 -7.51 -15.95 20.66
C GLY A 42 -7.95 -14.50 20.58
N ASP A 43 -7.20 -13.64 21.25
CA ASP A 43 -7.41 -12.20 21.21
C ASP A 43 -7.71 -11.66 19.81
N ILE A 44 -7.14 -12.30 18.79
CA ILE A 44 -7.31 -11.81 17.42
C ILE A 44 -8.64 -12.29 16.87
N VAL A 45 -8.93 -13.56 17.09
CA VAL A 45 -10.16 -14.15 16.62
C VAL A 45 -11.34 -13.46 17.31
N SER A 46 -11.18 -13.21 18.62
CA SER A 46 -12.18 -12.45 19.38
C SER A 46 -12.50 -11.12 18.71
N ARG A 47 -11.48 -10.29 18.47
CA ARG A 47 -11.72 -9.00 17.85
C ARG A 47 -12.63 -9.10 16.61
N PHE A 48 -12.45 -10.16 15.83
CA PHE A 48 -13.24 -10.41 14.63
C PHE A 48 -14.68 -10.93 14.89
N GLU A 49 -14.83 -11.90 15.80
CA GLU A 49 -16.14 -12.39 16.30
C GLU A 49 -16.94 -11.27 16.97
N ASP A 50 -16.29 -10.56 17.90
CA ASP A 50 -16.80 -9.32 18.51
C ASP A 50 -17.44 -8.41 17.47
N ARG A 51 -16.72 -8.22 16.37
CA ARG A 51 -17.12 -7.34 15.30
C ARG A 51 -18.33 -7.85 14.52
N GLY A 52 -18.60 -9.14 14.63
CA GLY A 52 -19.64 -9.76 13.80
C GLY A 52 -19.16 -10.37 12.49
N LEU A 53 -17.88 -10.21 12.17
CA LEU A 53 -17.27 -10.94 11.06
C LEU A 53 -17.39 -12.46 11.31
N LYS A 54 -17.55 -13.22 10.24
CA LYS A 54 -17.84 -14.65 10.33
C LYS A 54 -16.66 -15.48 9.81
N MET A 55 -16.19 -16.41 10.63
CA MET A 55 -15.07 -17.27 10.25
C MET A 55 -15.59 -18.32 9.30
N VAL A 56 -15.01 -18.35 8.11
CA VAL A 56 -15.43 -19.31 7.10
C VAL A 56 -14.26 -20.17 6.62
N GLY A 57 -13.07 -19.85 7.12
CA GLY A 57 -11.86 -20.63 6.91
C GLY A 57 -10.94 -20.45 8.11
N GLY A 58 -10.24 -21.52 8.48
CA GLY A 58 -9.38 -21.51 9.65
C GLY A 58 -8.46 -22.71 9.70
N LYS A 59 -7.16 -22.42 9.59
CA LYS A 59 -6.17 -23.47 9.35
C LYS A 59 -4.85 -23.11 10.01
N PHE A 60 -4.52 -23.83 11.08
CA PHE A 60 -3.21 -23.72 11.71
C PHE A 60 -2.20 -24.52 10.88
N MET A 61 -1.18 -23.82 10.37
CA MET A 61 -0.30 -24.39 9.38
C MET A 61 1.10 -23.80 9.43
N GLN A 62 2.00 -24.46 8.72
CA GLN A 62 3.34 -23.95 8.48
C GLN A 62 3.45 -23.72 6.98
N ILE A 63 3.62 -22.46 6.57
CA ILE A 63 3.89 -22.11 5.19
C ILE A 63 5.19 -22.79 4.80
N ASP A 64 5.16 -23.58 3.73
CA ASP A 64 6.39 -24.07 3.17
C ASP A 64 7.00 -22.97 2.32
N GLN A 65 8.25 -23.15 1.95
CA GLN A 65 9.00 -22.18 1.14
C GLN A 65 8.27 -21.79 -0.15
N GLU A 66 7.88 -22.79 -0.92
CA GLU A 66 7.24 -22.60 -2.20
C GLU A 66 5.99 -21.71 -2.09
N LEU A 67 5.08 -22.06 -1.18
CA LEU A 67 3.93 -21.19 -0.85
C LEU A 67 4.34 -19.76 -0.44
N ALA A 68 5.33 -19.65 0.45
CA ALA A 68 5.86 -18.36 0.90
C ALA A 68 6.36 -17.49 -0.24
N GLU A 69 6.99 -18.11 -1.24
CA GLU A 69 7.52 -17.36 -2.37
C GLU A 69 6.42 -16.99 -3.33
N GLU A 70 5.40 -17.84 -3.46
CA GLU A 70 4.26 -17.41 -4.26
C GLU A 70 3.55 -16.20 -3.61
N HIS A 71 3.21 -16.32 -2.33
CA HIS A 71 2.54 -15.24 -1.59
C HIS A 71 3.26 -13.89 -1.73
N TYR A 72 4.60 -13.90 -1.70
CA TYR A 72 5.37 -12.67 -1.84
C TYR A 72 5.95 -12.46 -3.24
N GLY A 73 5.38 -13.15 -4.22
CA GLY A 73 5.87 -13.12 -5.61
C GLY A 73 6.11 -11.74 -6.18
N GLU A 74 5.31 -10.76 -5.77
CA GLU A 74 5.49 -9.39 -6.26
C GLU A 74 6.81 -8.73 -5.83
N HIS A 75 7.42 -9.25 -4.75
CA HIS A 75 8.68 -8.71 -4.24
C HIS A 75 9.89 -9.59 -4.59
N GLU A 76 9.73 -10.54 -5.51
CA GLU A 76 10.78 -11.57 -5.75
C GLU A 76 12.15 -11.03 -6.20
N ASP A 77 12.14 -9.95 -6.96
CA ASP A 77 13.40 -9.35 -7.45
C ASP A 77 13.94 -8.27 -6.52
N LYS A 78 13.45 -8.24 -5.28
CA LYS A 78 13.85 -7.22 -4.33
C LYS A 78 14.77 -7.78 -3.24
N PRO A 79 15.76 -6.98 -2.80
CA PRO A 79 16.68 -7.32 -1.70
C PRO A 79 16.05 -7.99 -0.47
N PHE A 80 14.98 -7.41 0.09
CA PHE A 80 14.42 -7.92 1.35
C PHE A 80 13.60 -9.20 1.22
N PHE A 81 13.47 -9.70 0.00
CA PHE A 81 12.66 -10.88 -0.33
C PHE A 81 12.95 -12.13 0.50
N ASP A 82 14.21 -12.53 0.58
CA ASP A 82 14.57 -13.73 1.33
C ASP A 82 14.30 -13.56 2.83
N GLY A 83 14.44 -12.34 3.34
CA GLY A 83 14.22 -12.08 4.76
C GLY A 83 12.76 -12.32 5.11
N LEU A 84 11.90 -11.79 4.26
CA LEU A 84 10.45 -11.98 4.32
C LEU A 84 10.06 -13.47 4.29
N VAL A 85 10.66 -14.23 3.37
CA VAL A 85 10.41 -15.67 3.24
C VAL A 85 10.83 -16.44 4.47
N ASP A 86 12.04 -16.16 4.94
CA ASP A 86 12.57 -16.80 6.12
C ASP A 86 11.66 -16.57 7.31
N PHE A 87 11.28 -15.30 7.54
CA PHE A 87 10.45 -14.98 8.71
C PHE A 87 9.09 -15.66 8.68
N ILE A 88 8.38 -15.51 7.56
CA ILE A 88 7.03 -16.04 7.43
C ILE A 88 7.00 -17.58 7.50
N THR A 89 8.14 -18.21 7.22
CA THR A 89 8.26 -19.68 7.34
C THR A 89 8.94 -20.16 8.62
N SER A 90 9.40 -19.23 9.45
CA SER A 90 10.16 -19.55 10.67
C SER A 90 9.35 -20.17 11.80
N GLY A 91 8.02 -20.13 11.69
CA GLY A 91 7.13 -20.68 12.70
C GLY A 91 5.70 -20.80 12.17
N PRO A 92 4.83 -21.56 12.87
CA PRO A 92 3.46 -21.69 12.39
C PRO A 92 2.68 -20.38 12.33
N VAL A 93 1.73 -20.33 11.41
CA VAL A 93 0.79 -19.24 11.31
C VAL A 93 -0.59 -19.81 11.57
N PHE A 94 -1.55 -18.92 11.77
CA PHE A 94 -2.95 -19.32 11.81
C PHE A 94 -3.62 -18.54 10.70
N ALA A 95 -3.91 -19.24 9.61
CA ALA A 95 -4.51 -18.62 8.44
C ALA A 95 -6.03 -18.70 8.53
N MET A 96 -6.71 -17.63 8.12
CA MET A 96 -8.16 -17.49 8.31
C MET A 96 -8.86 -16.90 7.08
N VAL A 97 -10.17 -17.13 6.99
CA VAL A 97 -11.02 -16.38 6.05
C VAL A 97 -12.24 -15.83 6.80
N TRP A 98 -12.55 -14.54 6.59
CA TRP A 98 -13.64 -13.89 7.32
C TRP A 98 -14.67 -13.32 6.37
N GLU A 99 -15.94 -13.40 6.75
CA GLU A 99 -17.02 -12.93 5.88
C GLU A 99 -17.91 -11.86 6.55
N GLY A 100 -18.07 -10.75 5.84
CA GLY A 100 -19.02 -9.72 6.22
C GLY A 100 -19.01 -8.58 5.22
N GLN A 101 -19.99 -7.67 5.36
CA GLN A 101 -20.04 -6.42 4.60
C GLN A 101 -18.74 -5.66 4.77
N ASP A 102 -18.20 -5.20 3.64
CA ASP A 102 -16.91 -4.51 3.55
C ASP A 102 -15.79 -5.16 4.36
N ALA A 103 -15.74 -6.49 4.33
CA ALA A 103 -14.81 -7.23 5.19
C ALA A 103 -13.33 -6.81 5.03
N THR A 104 -12.88 -6.63 3.80
CA THR A 104 -11.45 -6.46 3.50
C THR A 104 -10.93 -5.15 4.04
N ARG A 105 -11.68 -4.09 3.79
CA ARG A 105 -11.33 -2.76 4.25
C ARG A 105 -11.47 -2.72 5.76
N GLN A 106 -12.52 -3.35 6.26
CA GLN A 106 -12.79 -3.35 7.69
C GLN A 106 -11.67 -4.03 8.46
N VAL A 107 -11.21 -5.17 7.96
CA VAL A 107 -10.11 -5.88 8.57
C VAL A 107 -8.83 -5.04 8.54
N ARG A 108 -8.58 -4.34 7.44
CA ARG A 108 -7.41 -3.47 7.38
C ARG A 108 -7.48 -2.22 8.25
N THR A 109 -8.69 -1.72 8.50
CA THR A 109 -8.87 -0.66 9.48
C THR A 109 -8.54 -1.22 10.87
N MET A 110 -9.07 -2.41 11.18
CA MET A 110 -8.87 -3.02 12.49
C MET A 110 -7.40 -3.34 12.82
N MET A 111 -6.60 -3.66 11.80
CA MET A 111 -5.22 -4.09 12.02
C MET A 111 -4.29 -2.93 12.37
N GLY A 112 -4.47 -1.81 11.69
CA GLY A 112 -3.66 -0.63 11.88
C GLY A 112 -2.99 -0.23 10.59
N GLU A 113 -1.87 0.46 10.73
CA GLU A 113 -0.99 0.75 9.61
C GLU A 113 -0.02 -0.43 9.48
N THR A 114 0.71 -0.48 8.37
CA THR A 114 1.72 -1.52 8.15
C THR A 114 2.72 -1.55 9.29
N ASP A 115 3.37 -0.42 9.51
CA ASP A 115 4.21 -0.22 10.68
C ASP A 115 3.34 -0.08 11.94
N PRO A 116 3.55 -0.95 12.94
CA PRO A 116 2.84 -0.82 14.21
C PRO A 116 3.27 0.41 14.98
N ALA A 117 4.46 0.91 14.65
CA ALA A 117 5.00 2.11 15.24
C ALA A 117 4.22 3.32 14.74
N GLU A 118 3.33 3.09 13.79
CA GLU A 118 2.51 4.17 13.22
C GLU A 118 1.04 3.92 13.51
N SER A 119 0.77 2.86 14.25
CA SER A 119 -0.59 2.40 14.48
C SER A 119 -1.21 2.96 15.77
N ALA A 120 -2.53 3.15 15.71
CA ALA A 120 -3.30 3.72 16.81
C ALA A 120 -3.71 2.69 17.85
N PRO A 121 -3.72 3.10 19.13
CA PRO A 121 -4.21 2.20 20.16
C PRO A 121 -5.63 1.84 19.82
N GLY A 122 -5.97 0.56 19.95
CA GLY A 122 -7.24 0.03 19.47
C GLY A 122 -7.01 -0.98 18.37
N THR A 123 -6.27 -0.58 17.34
CA THR A 123 -5.88 -1.49 16.26
C THR A 123 -5.00 -2.62 16.78
N ILE A 124 -5.07 -3.76 16.10
CA ILE A 124 -4.37 -4.98 16.51
C ILE A 124 -2.85 -4.72 16.68
N ARG A 125 -2.27 -4.02 15.71
CA ARG A 125 -0.84 -3.75 15.71
C ARG A 125 -0.47 -2.68 16.73
N GLY A 126 -1.33 -1.67 16.87
CA GLY A 126 -1.11 -0.59 17.83
C GLY A 126 -1.12 -1.05 19.27
N ASP A 127 -1.80 -2.16 19.54
CA ASP A 127 -1.89 -2.75 20.88
C ASP A 127 -0.89 -3.87 21.15
N TYR A 128 -0.46 -4.57 20.09
CA TYR A 128 0.30 -5.81 20.26
C TYR A 128 1.72 -5.85 19.66
N GLY A 129 2.04 -4.89 18.78
CA GLY A 129 3.30 -4.93 18.04
C GLY A 129 4.20 -3.73 18.14
N LEU A 130 5.44 -3.87 17.69
CA LEU A 130 6.43 -2.79 17.85
C LEU A 130 7.28 -2.51 16.62
N ASP A 131 7.65 -3.55 15.87
CA ASP A 131 8.58 -3.40 14.76
C ASP A 131 7.94 -3.71 13.41
N LEU A 132 8.14 -2.81 12.45
CA LEU A 132 7.63 -2.92 11.10
C LEU A 132 7.68 -4.34 10.56
N GLY A 133 8.78 -5.05 10.82
CA GLY A 133 8.97 -6.40 10.33
C GLY A 133 8.22 -7.47 11.09
N ARG A 134 7.98 -7.24 12.37
CA ARG A 134 7.22 -8.18 13.20
C ARG A 134 5.86 -7.55 13.54
N ASN A 135 5.04 -7.37 12.51
CA ASN A 135 3.78 -6.67 12.67
C ASN A 135 2.60 -7.59 12.91
N VAL A 136 2.91 -8.79 13.39
CA VAL A 136 1.95 -9.73 14.00
C VAL A 136 0.84 -10.35 13.15
N ILE A 137 0.39 -9.65 12.12
CA ILE A 137 -0.80 -10.10 11.42
C ILE A 137 -0.76 -9.64 9.98
N HIS A 138 -1.35 -10.44 9.08
CA HIS A 138 -1.60 -9.98 7.70
C HIS A 138 -3.07 -10.02 7.28
N GLY A 139 -3.47 -9.09 6.44
CA GLY A 139 -4.83 -9.07 5.94
C GLY A 139 -4.86 -8.47 4.56
N SER A 140 -5.68 -9.03 3.69
CA SER A 140 -5.73 -8.64 2.28
C SER A 140 -5.95 -7.16 2.14
N ASP A 141 -5.28 -6.56 1.17
CA ASP A 141 -5.33 -5.14 0.90
C ASP A 141 -6.56 -4.85 0.01
N HIS A 142 -7.46 -4.01 0.51
CA HIS A 142 -8.65 -3.62 -0.23
C HIS A 142 -8.33 -2.70 -1.41
N GLU A 143 -7.16 -2.06 -1.37
CA GLU A 143 -6.77 -1.11 -2.41
C GLU A 143 -6.11 -1.78 -3.61
N ASP A 144 -6.01 -3.09 -3.56
CA ASP A 144 -5.49 -3.91 -4.66
C ASP A 144 -6.56 -4.95 -5.01
N GLU A 145 -7.44 -4.59 -5.95
CA GLU A 145 -8.69 -5.32 -6.18
C GLU A 145 -8.47 -6.76 -6.63
N GLY A 146 -9.07 -7.71 -5.93
CA GLY A 146 -8.93 -9.11 -6.27
C GLY A 146 -7.93 -9.82 -5.38
N ALA A 147 -7.10 -9.02 -4.70
CA ALA A 147 -6.11 -9.50 -3.73
C ALA A 147 -6.66 -10.51 -2.73
N ASN A 148 -7.78 -10.17 -2.12
CA ASN A 148 -8.46 -11.03 -1.19
C ASN A 148 -8.76 -12.36 -1.87
N GLU A 149 -9.33 -12.30 -3.06
CA GLU A 149 -9.63 -13.47 -3.88
C GLU A 149 -8.42 -14.38 -4.07
N ARG A 150 -7.33 -13.83 -4.59
CA ARG A 150 -6.16 -14.68 -4.87
C ARG A 150 -5.52 -15.27 -3.60
N GLU A 151 -5.34 -14.45 -2.57
CA GLU A 151 -4.73 -14.90 -1.32
C GLU A 151 -5.58 -15.96 -0.62
N ILE A 152 -6.90 -15.80 -0.66
CA ILE A 152 -7.82 -16.83 -0.17
C ILE A 152 -7.57 -18.13 -0.92
N GLU A 153 -7.63 -18.08 -2.25
CA GLU A 153 -7.42 -19.26 -3.12
C GLU A 153 -6.03 -19.85 -2.90
N LEU A 154 -5.07 -18.97 -2.66
CA LEU A 154 -3.70 -19.35 -2.43
C LEU A 154 -3.51 -20.20 -1.17
N PHE A 155 -4.25 -19.88 -0.11
CA PHE A 155 -4.11 -20.62 1.16
C PHE A 155 -5.17 -21.68 1.37
N PHE A 156 -6.23 -21.60 0.59
CA PHE A 156 -7.37 -22.46 0.83
C PHE A 156 -7.91 -23.03 -0.46
N ASP A 157 -8.09 -24.34 -0.47
CA ASP A 157 -8.91 -24.98 -1.49
C ASP A 157 -10.37 -24.69 -1.10
N GLU A 158 -11.18 -24.33 -2.11
CA GLU A 158 -12.61 -24.08 -1.95
C GLU A 158 -13.34 -24.95 -0.91
N ASP A 159 -13.04 -26.26 -0.90
CA ASP A 159 -13.68 -27.23 0.00
C ASP A 159 -13.22 -27.13 1.47
N GLU A 160 -12.20 -26.32 1.72
CA GLU A 160 -11.77 -26.09 3.07
C GLU A 160 -12.63 -24.98 3.67
N LEU A 161 -13.38 -24.28 2.83
CA LEU A 161 -14.21 -23.16 3.25
C LEU A 161 -15.65 -23.61 3.53
N VAL A 162 -16.34 -22.90 4.41
CA VAL A 162 -17.62 -23.38 4.92
C VAL A 162 -18.74 -22.39 4.68
N ASP A 163 -19.76 -22.83 3.95
CA ASP A 163 -20.99 -22.09 3.83
C ASP A 163 -21.90 -22.42 4.99
N TRP A 164 -22.23 -21.39 5.77
CA TRP A 164 -23.19 -21.48 6.86
C TRP A 164 -23.81 -20.12 7.13
N ASP A 165 -24.72 -20.07 8.09
CA ASP A 165 -25.36 -18.83 8.49
C ASP A 165 -25.18 -18.61 9.97
N GLN A 166 -24.57 -17.48 10.33
CA GLN A 166 -24.37 -17.21 11.76
C GLN A 166 -25.57 -16.43 12.25
N ILE A 167 -26.10 -16.82 13.42
CA ILE A 167 -27.26 -16.16 14.00
C ILE A 167 -27.12 -14.63 14.10
N ASP A 168 -25.88 -14.12 14.19
CA ASP A 168 -25.61 -12.68 14.27
C ASP A 168 -26.15 -11.87 13.07
N SER A 169 -26.04 -12.41 11.86
CA SER A 169 -26.38 -11.65 10.63
C SER A 169 -27.79 -11.08 10.58
N SER A 170 -28.78 -11.85 11.05
CA SER A 170 -30.16 -11.35 11.19
C SER A 170 -30.22 -9.94 11.80
N TRP A 171 -29.23 -9.62 12.65
CA TRP A 171 -29.19 -8.34 13.35
C TRP A 171 -28.02 -7.45 12.95
N LEU A 172 -27.04 -8.04 12.31
CA LEU A 172 -25.85 -7.35 11.81
C LEU A 172 -26.14 -6.55 10.53
N TYR A 173 -27.14 -6.99 9.77
CA TYR A 173 -27.38 -6.41 8.44
C TYR A 173 -28.83 -6.02 8.21
N GLU A 174 -29.03 -4.87 7.60
CA GLU A 174 -30.37 -4.39 7.27
C GLU A 174 -30.96 -5.13 6.08
N GLU B 23 -1.69 28.60 -34.97
CA GLU B 23 -2.33 28.09 -33.69
C GLU B 23 -1.54 26.96 -33.00
N HIS B 24 -0.63 26.32 -33.75
CA HIS B 24 0.30 25.38 -33.16
C HIS B 24 1.69 26.00 -33.01
N GLU B 25 1.75 27.32 -33.16
CA GLU B 25 2.98 28.07 -32.92
C GLU B 25 3.57 27.71 -31.56
N ARG B 26 4.88 27.48 -31.56
CA ARG B 26 5.62 27.13 -30.36
C ARG B 26 6.58 28.25 -30.02
N THR B 27 7.03 28.29 -28.77
CA THR B 27 8.10 29.17 -28.35
C THR B 27 8.94 28.49 -27.29
N PHE B 28 10.21 28.84 -27.25
CA PHE B 28 11.10 28.30 -26.22
C PHE B 28 11.11 29.25 -25.04
N VAL B 29 10.90 28.69 -23.86
CA VAL B 29 10.92 29.47 -22.64
C VAL B 29 11.73 28.72 -21.63
N MET B 30 12.52 29.43 -20.85
CA MET B 30 13.24 28.78 -19.76
C MET B 30 13.38 29.66 -18.54
N VAL B 31 13.24 29.03 -17.38
CA VAL B 31 13.46 29.65 -16.09
C VAL B 31 14.96 29.62 -15.78
N LYS B 32 15.61 30.79 -15.82
CA LYS B 32 17.05 30.88 -15.56
C LYS B 32 17.44 30.40 -14.16
N PRO B 33 18.75 30.23 -13.89
CA PRO B 33 19.16 29.70 -12.60
C PRO B 33 18.77 30.58 -11.41
N ASP B 34 18.55 31.87 -11.63
CA ASP B 34 18.15 32.71 -10.51
C ASP B 34 16.72 32.39 -10.15
N GLY B 35 15.88 32.26 -11.18
CA GLY B 35 14.48 31.87 -11.01
C GLY B 35 14.32 30.46 -10.46
N VAL B 36 15.21 29.56 -10.88
CA VAL B 36 15.24 28.19 -10.37
C VAL B 36 15.58 28.15 -8.88
N GLN B 37 16.57 28.93 -8.47
CA GLN B 37 16.98 28.97 -7.06
C GLN B 37 15.92 29.52 -6.12
N ARG B 38 15.22 30.55 -6.56
CA ARG B 38 14.28 31.27 -5.68
C ARG B 38 12.88 30.61 -5.54
N GLY B 39 12.68 29.47 -6.20
CA GLY B 39 11.46 28.66 -6.04
C GLY B 39 10.29 29.12 -6.88
N LEU B 40 10.57 29.45 -8.15
CA LEU B 40 9.56 30.06 -9.01
C LEU B 40 9.10 29.23 -10.23
N ILE B 41 9.51 27.96 -10.34
CA ILE B 41 9.14 27.16 -11.50
C ILE B 41 7.63 26.95 -11.52
N GLY B 42 7.09 26.53 -10.38
CA GLY B 42 5.66 26.31 -10.24
C GLY B 42 4.82 27.54 -10.55
N ASP B 43 5.24 28.69 -10.01
CA ASP B 43 4.54 29.94 -10.25
C ASP B 43 4.53 30.34 -11.72
N ILE B 44 5.65 30.09 -12.40
CA ILE B 44 5.82 30.48 -13.79
C ILE B 44 5.02 29.54 -14.69
N VAL B 45 5.10 28.25 -14.42
CA VAL B 45 4.36 27.26 -15.20
C VAL B 45 2.85 27.49 -15.05
N SER B 46 2.43 27.80 -13.82
CA SER B 46 1.04 28.16 -13.53
C SER B 46 0.57 29.29 -14.44
N ARG B 47 1.32 30.39 -14.50
CA ARG B 47 0.92 31.53 -15.32
C ARG B 47 0.66 31.15 -16.76
N PHE B 48 1.54 30.31 -17.31
CA PHE B 48 1.42 29.81 -18.67
C PHE B 48 0.25 28.86 -18.86
N GLU B 49 0.11 27.88 -17.96
CA GLU B 49 -1.04 26.97 -18.07
C GLU B 49 -2.36 27.70 -17.80
N ASP B 50 -2.38 28.55 -16.78
CA ASP B 50 -3.51 29.47 -16.55
C ASP B 50 -3.90 30.21 -17.83
N ARG B 51 -2.90 30.53 -18.65
CA ARG B 51 -3.11 31.29 -19.89
C ARG B 51 -3.78 30.49 -21.00
N GLY B 52 -3.75 29.16 -20.90
CA GLY B 52 -4.22 28.29 -21.97
C GLY B 52 -3.08 27.83 -22.87
N LEU B 53 -1.86 28.23 -22.53
CA LEU B 53 -0.69 27.73 -23.23
C LEU B 53 -0.44 26.27 -22.85
N LYS B 54 -0.03 25.50 -23.86
CA LYS B 54 0.18 24.06 -23.72
C LYS B 54 1.67 23.74 -23.71
N MET B 55 2.14 23.09 -22.66
CA MET B 55 3.54 22.73 -22.63
C MET B 55 3.73 21.44 -23.42
N VAL B 56 4.77 21.41 -24.26
CA VAL B 56 5.04 20.25 -25.13
C VAL B 56 6.51 19.84 -25.05
N GLY B 57 7.30 20.68 -24.41
CA GLY B 57 8.66 20.33 -24.00
C GLY B 57 8.85 20.82 -22.58
N GLY B 58 9.67 20.11 -21.81
CA GLY B 58 9.92 20.52 -20.44
C GLY B 58 10.97 19.63 -19.79
N LYS B 59 12.18 20.15 -19.68
CA LYS B 59 13.25 19.40 -19.06
C LYS B 59 14.04 20.24 -18.10
N PHE B 60 14.29 19.69 -16.91
CA PHE B 60 15.13 20.30 -15.90
C PHE B 60 16.56 19.89 -16.19
N MET B 61 17.46 20.87 -16.28
CA MET B 61 18.81 20.59 -16.74
C MET B 61 19.88 21.57 -16.28
N GLN B 62 21.13 21.12 -16.39
CA GLN B 62 22.31 21.95 -16.26
C GLN B 62 22.82 22.25 -17.67
N ILE B 63 22.84 23.52 -18.05
CA ILE B 63 23.39 23.92 -19.35
C ILE B 63 24.89 23.65 -19.36
N ASP B 64 25.38 22.96 -20.40
CA ASP B 64 26.81 22.72 -20.56
C ASP B 64 27.49 23.97 -21.05
N GLN B 65 28.80 24.04 -20.82
CA GLN B 65 29.65 25.12 -21.33
C GLN B 65 29.45 25.36 -22.81
N GLU B 66 29.54 24.29 -23.60
CA GLU B 66 29.44 24.37 -25.05
C GLU B 66 28.08 24.92 -25.52
N LEU B 67 27.00 24.47 -24.89
CA LEU B 67 25.65 24.91 -25.25
C LEU B 67 25.46 26.39 -24.96
N ALA B 68 25.92 26.81 -23.79
CA ALA B 68 25.90 28.22 -23.41
C ALA B 68 26.58 29.09 -24.47
N GLU B 69 27.77 28.69 -24.90
CA GLU B 69 28.55 29.45 -25.90
C GLU B 69 27.72 29.64 -27.15
N GLU B 70 27.01 28.59 -27.56
CA GLU B 70 26.25 28.66 -28.80
C GLU B 70 24.97 29.51 -28.68
N HIS B 71 24.27 29.36 -27.55
CA HIS B 71 23.00 30.07 -27.36
C HIS B 71 23.20 31.58 -27.43
N TYR B 72 24.29 32.05 -26.83
CA TYR B 72 24.68 33.46 -26.92
C TYR B 72 25.71 33.68 -28.01
N GLY B 73 25.65 32.86 -29.06
CA GLY B 73 26.58 32.97 -30.20
C GLY B 73 26.73 34.40 -30.68
N GLU B 74 25.61 35.11 -30.73
CA GLU B 74 25.55 36.48 -31.24
C GLU B 74 26.38 37.50 -30.44
N HIS B 75 26.70 37.16 -29.18
CA HIS B 75 27.46 38.06 -28.31
C HIS B 75 28.92 37.62 -28.06
N GLU B 76 29.41 36.67 -28.86
CA GLU B 76 30.67 35.97 -28.53
C GLU B 76 31.97 36.78 -28.61
N ASP B 77 31.87 38.02 -29.07
CA ASP B 77 33.03 38.93 -29.12
C ASP B 77 32.81 40.21 -28.29
N LYS B 78 31.98 40.14 -27.25
CA LYS B 78 31.68 41.30 -26.41
C LYS B 78 32.21 41.11 -24.98
N PRO B 79 32.62 42.20 -24.31
CA PRO B 79 33.21 42.08 -22.96
C PRO B 79 32.39 41.27 -21.94
N PHE B 80 31.07 41.30 -22.08
CA PHE B 80 30.16 40.70 -21.09
C PHE B 80 29.77 39.25 -21.37
N PHE B 81 30.26 38.71 -22.49
CA PHE B 81 29.98 37.33 -22.91
C PHE B 81 30.36 36.29 -21.87
N ASP B 82 31.58 36.40 -21.33
CA ASP B 82 32.07 35.44 -20.34
C ASP B 82 31.15 35.37 -19.13
N GLY B 83 30.77 36.53 -18.59
CA GLY B 83 29.93 36.62 -17.39
C GLY B 83 28.53 36.05 -17.61
N LEU B 84 27.99 36.36 -18.78
CA LEU B 84 26.74 35.79 -19.30
C LEU B 84 26.82 34.26 -19.38
N VAL B 85 27.89 33.74 -19.98
CA VAL B 85 28.12 32.29 -20.02
C VAL B 85 28.23 31.74 -18.60
N ASP B 86 29.00 32.40 -17.76
CA ASP B 86 29.17 31.97 -16.38
C ASP B 86 27.85 31.83 -15.63
N PHE B 87 27.03 32.89 -15.62
CA PHE B 87 25.75 32.88 -14.91
C PHE B 87 24.77 31.75 -15.35
N ILE B 88 24.58 31.58 -16.65
CA ILE B 88 23.59 30.60 -17.15
C ILE B 88 24.05 29.14 -16.98
N THR B 89 25.27 29.00 -16.46
CA THR B 89 26.01 27.75 -16.27
C THR B 89 26.14 27.51 -14.75
N SER B 90 25.83 28.55 -13.97
CA SER B 90 26.10 28.56 -12.51
C SER B 90 25.11 27.74 -11.69
N GLY B 91 24.02 27.32 -12.32
CA GLY B 91 23.00 26.53 -11.67
C GLY B 91 22.00 26.01 -12.69
N PRO B 92 21.10 25.09 -12.29
CA PRO B 92 20.18 24.47 -13.25
C PRO B 92 19.09 25.39 -13.75
N VAL B 93 18.56 25.08 -14.93
CA VAL B 93 17.43 25.82 -15.52
C VAL B 93 16.26 24.89 -15.80
N PHE B 94 15.13 25.48 -16.21
CA PHE B 94 13.98 24.70 -16.63
C PHE B 94 13.61 25.09 -18.04
N ALA B 95 14.02 24.27 -19.00
CA ALA B 95 13.74 24.52 -20.38
C ALA B 95 12.31 24.08 -20.69
N MET B 96 11.59 24.90 -21.42
CA MET B 96 10.20 24.59 -21.74
C MET B 96 9.94 24.89 -23.19
N VAL B 97 8.93 24.24 -23.75
CA VAL B 97 8.36 24.62 -25.04
C VAL B 97 6.84 24.77 -24.92
N TRP B 98 6.33 25.97 -25.20
CA TRP B 98 4.89 26.25 -25.06
C TRP B 98 4.23 26.49 -26.41
N GLU B 99 3.06 25.88 -26.59
CA GLU B 99 2.32 25.97 -27.85
C GLU B 99 1.02 26.75 -27.69
N GLY B 100 0.79 27.69 -28.60
CA GLY B 100 -0.44 28.45 -28.61
C GLY B 100 -0.46 29.52 -29.68
N GLN B 101 -1.65 30.06 -29.94
CA GLN B 101 -1.81 31.14 -30.90
C GLN B 101 -1.01 32.36 -30.45
N ASP B 102 -0.17 32.84 -31.36
CA ASP B 102 0.73 33.96 -31.11
C ASP B 102 1.61 33.72 -29.87
N ALA B 103 2.00 32.47 -29.67
CA ALA B 103 2.73 32.04 -28.48
C ALA B 103 3.99 32.86 -28.16
N THR B 104 4.75 33.23 -29.19
CA THR B 104 6.05 33.84 -28.96
C THR B 104 5.87 35.26 -28.45
N ARG B 105 4.96 35.99 -29.09
CA ARG B 105 4.62 37.34 -28.65
C ARG B 105 3.94 37.30 -27.29
N GLN B 106 2.92 36.45 -27.13
CA GLN B 106 2.17 36.43 -25.90
C GLN B 106 3.08 36.16 -24.70
N VAL B 107 4.01 35.22 -24.84
CA VAL B 107 4.96 34.91 -23.78
C VAL B 107 5.86 36.09 -23.51
N ARG B 108 6.31 36.75 -24.57
CA ARG B 108 7.21 37.89 -24.42
C ARG B 108 6.53 39.04 -23.66
N THR B 109 5.31 39.38 -24.07
CA THR B 109 4.44 40.26 -23.28
C THR B 109 4.31 39.79 -21.83
N MET B 110 4.18 38.48 -21.61
CA MET B 110 3.92 37.96 -20.28
C MET B 110 5.09 38.13 -19.31
N MET B 111 6.31 38.02 -19.82
CA MET B 111 7.50 38.12 -18.98
C MET B 111 7.82 39.57 -18.63
N GLY B 112 7.37 40.50 -19.46
CA GLY B 112 7.67 41.92 -19.30
C GLY B 112 8.82 42.44 -20.15
N GLU B 113 9.34 43.59 -19.74
CA GLU B 113 10.46 44.23 -20.41
C GLU B 113 11.72 43.49 -19.99
N THR B 114 12.69 43.38 -20.90
CA THR B 114 14.01 42.80 -20.60
C THR B 114 14.48 43.16 -19.20
N ASP B 115 14.45 44.45 -18.89
CA ASP B 115 14.77 44.93 -17.55
C ASP B 115 13.57 44.81 -16.58
N PRO B 116 13.75 44.05 -15.47
CA PRO B 116 12.75 43.91 -14.40
C PRO B 116 12.39 45.24 -13.76
N ALA B 117 13.37 46.13 -13.69
CA ALA B 117 13.19 47.46 -13.15
C ALA B 117 12.42 48.37 -14.09
N GLU B 118 12.04 47.84 -15.26
CA GLU B 118 11.22 48.62 -16.20
C GLU B 118 9.92 47.88 -16.57
N SER B 119 9.67 46.75 -15.89
CA SER B 119 8.49 45.92 -16.16
C SER B 119 7.36 46.26 -15.20
N ALA B 120 6.14 46.26 -15.75
CA ALA B 120 4.93 46.55 -15.00
C ALA B 120 4.57 45.40 -14.04
N PRO B 121 3.92 45.72 -12.93
CA PRO B 121 3.40 44.59 -12.13
C PRO B 121 2.37 43.77 -12.92
N GLY B 122 2.34 42.46 -12.68
CA GLY B 122 1.51 41.54 -13.47
C GLY B 122 2.36 40.68 -14.39
N THR B 123 3.43 41.27 -14.92
CA THR B 123 4.42 40.53 -15.69
C THR B 123 5.30 39.72 -14.76
N ILE B 124 6.02 38.75 -15.31
CA ILE B 124 6.79 37.84 -14.46
C ILE B 124 7.96 38.57 -13.82
N ARG B 125 8.65 39.38 -14.62
CA ARG B 125 9.83 40.09 -14.14
C ARG B 125 9.45 41.25 -13.22
N GLY B 126 8.35 41.93 -13.56
CA GLY B 126 7.81 43.01 -12.72
C GLY B 126 7.26 42.55 -11.37
N ASP B 127 6.94 41.28 -11.24
CA ASP B 127 6.46 40.75 -9.97
C ASP B 127 7.54 40.03 -9.17
N TYR B 128 8.56 39.52 -9.87
CA TYR B 128 9.54 38.62 -9.26
C TYR B 128 11.01 39.05 -9.30
N GLY B 129 11.40 39.92 -10.23
CA GLY B 129 12.83 40.28 -10.39
C GLY B 129 13.17 41.73 -10.13
N LEU B 130 14.45 42.02 -9.85
CA LEU B 130 14.85 43.37 -9.47
C LEU B 130 15.94 44.00 -10.35
N ASP B 131 16.78 43.16 -10.94
CA ASP B 131 17.98 43.59 -11.65
C ASP B 131 18.01 43.06 -13.08
N LEU B 132 18.38 43.93 -14.02
CA LEU B 132 18.47 43.60 -15.44
C LEU B 132 19.14 42.25 -15.72
N GLY B 133 20.28 42.00 -15.06
CA GLY B 133 21.03 40.77 -15.26
C GLY B 133 20.37 39.55 -14.65
N ARG B 134 19.65 39.74 -13.56
CA ARG B 134 18.98 38.61 -12.90
C ARG B 134 17.47 38.67 -13.14
N ASN B 135 17.11 38.49 -14.41
CA ASN B 135 15.73 38.64 -14.91
C ASN B 135 14.95 37.34 -15.00
N VAL B 136 15.45 36.32 -14.30
CA VAL B 136 14.70 35.10 -13.92
C VAL B 136 14.15 34.17 -15.00
N ILE B 137 13.90 34.68 -16.19
CA ILE B 137 13.28 33.88 -17.23
C ILE B 137 13.74 34.33 -18.60
N HIS B 138 13.83 33.38 -19.54
CA HIS B 138 14.03 33.72 -20.95
C HIS B 138 12.92 33.17 -21.84
N GLY B 139 12.57 33.96 -22.84
CA GLY B 139 11.54 33.59 -23.80
C GLY B 139 11.90 34.14 -25.16
N SER B 140 11.66 33.35 -26.19
CA SER B 140 12.05 33.68 -27.55
C SER B 140 11.51 35.01 -27.99
N ASP B 141 12.34 35.74 -28.74
CA ASP B 141 12.02 37.03 -29.30
C ASP B 141 11.26 36.86 -30.63
N HIS B 142 10.00 37.29 -30.62
CA HIS B 142 9.12 37.25 -31.80
C HIS B 142 9.57 38.18 -32.93
N GLU B 143 10.41 39.17 -32.59
CA GLU B 143 10.90 40.12 -33.56
C GLU B 143 12.20 39.62 -34.22
N ASP B 144 12.73 38.52 -33.71
CA ASP B 144 13.84 37.82 -34.36
C ASP B 144 13.31 36.62 -35.16
N GLU B 145 12.84 36.87 -36.37
CA GLU B 145 12.19 35.85 -37.21
C GLU B 145 12.88 34.48 -37.11
N GLY B 146 12.10 33.50 -36.64
CA GLY B 146 12.58 32.12 -36.54
C GLY B 146 13.42 31.82 -35.32
N ALA B 147 13.62 32.81 -34.45
CA ALA B 147 14.38 32.59 -33.21
C ALA B 147 13.73 31.55 -32.31
N ASN B 148 12.40 31.47 -32.36
CA ASN B 148 11.69 30.45 -31.62
C ASN B 148 12.10 29.04 -32.05
N GLU B 149 11.88 28.73 -33.34
CA GLU B 149 12.30 27.45 -33.95
C GLU B 149 13.77 27.17 -33.71
N ARG B 150 14.62 28.17 -33.92
CA ARG B 150 16.05 28.08 -33.68
C ARG B 150 16.32 27.53 -32.29
N GLU B 151 15.70 28.15 -31.29
CA GLU B 151 15.94 27.85 -29.90
C GLU B 151 15.25 26.56 -29.42
N ILE B 152 14.19 26.15 -30.10
CA ILE B 152 13.63 24.81 -29.92
C ILE B 152 14.72 23.80 -30.31
N GLU B 153 15.11 23.79 -31.59
CA GLU B 153 16.17 22.91 -32.11
C GLU B 153 17.35 22.82 -31.13
N LEU B 154 17.75 23.97 -30.61
CA LEU B 154 18.97 24.08 -29.81
C LEU B 154 18.90 23.30 -28.50
N PHE B 155 17.76 23.33 -27.83
CA PHE B 155 17.63 22.74 -26.49
C PHE B 155 16.94 21.38 -26.51
N PHE B 156 16.19 21.12 -27.56
CA PHE B 156 15.33 19.95 -27.61
C PHE B 156 15.51 19.12 -28.89
N ASP B 157 15.42 17.80 -28.74
CA ASP B 157 15.27 16.94 -29.92
C ASP B 157 13.80 16.78 -30.22
N GLU B 158 13.48 16.49 -31.49
CA GLU B 158 12.09 16.38 -31.93
C GLU B 158 11.27 15.35 -31.13
N ASP B 159 11.94 14.30 -30.67
CA ASP B 159 11.30 13.23 -29.90
C ASP B 159 11.21 13.57 -28.41
N GLU B 160 11.77 14.71 -28.03
CA GLU B 160 11.58 15.20 -26.67
C GLU B 160 10.32 16.05 -26.58
N LEU B 161 9.71 16.35 -27.73
CA LEU B 161 8.48 17.14 -27.78
C LEU B 161 7.26 16.26 -27.99
N VAL B 162 6.16 16.59 -27.31
CA VAL B 162 4.97 15.75 -27.35
C VAL B 162 3.85 16.38 -28.16
N ASP B 163 3.47 15.69 -29.23
CA ASP B 163 2.27 16.06 -29.97
C ASP B 163 1.07 15.49 -29.22
N TRP B 164 0.25 16.39 -28.65
CA TRP B 164 -0.98 16.02 -27.94
C TRP B 164 -2.06 17.12 -27.99
N ASP B 165 -3.26 16.79 -27.51
CA ASP B 165 -4.36 17.74 -27.50
C ASP B 165 -4.90 17.98 -26.10
N GLN B 166 -4.86 19.24 -25.68
CA GLN B 166 -5.34 19.59 -24.36
C GLN B 166 -6.78 19.99 -24.48
N ILE B 167 -7.58 19.59 -23.50
CA ILE B 167 -9.02 19.84 -23.50
C ILE B 167 -9.40 21.31 -23.65
N ASP B 168 -8.52 22.19 -23.19
CA ASP B 168 -8.76 23.63 -23.23
C ASP B 168 -8.91 24.19 -24.66
N SER B 169 -8.20 23.56 -25.61
CA SER B 169 -8.12 24.01 -27.00
C SER B 169 -9.49 24.25 -27.63
N SER B 170 -10.42 23.34 -27.36
CA SER B 170 -11.79 23.43 -27.86
C SER B 170 -12.50 24.72 -27.43
N TRP B 171 -12.03 25.34 -26.37
CA TRP B 171 -12.64 26.57 -25.87
C TRP B 171 -11.73 27.81 -25.91
N LEU B 172 -10.43 27.60 -26.11
CA LEU B 172 -9.47 28.68 -26.28
C LEU B 172 -9.54 29.33 -27.67
N TYR B 173 -9.80 28.50 -28.69
CA TYR B 173 -9.78 28.94 -30.09
C TYR B 173 -11.13 28.75 -30.78
N GLU B 174 -11.40 29.62 -31.75
CA GLU B 174 -12.69 29.66 -32.44
C GLU B 174 -12.96 28.40 -33.26
N SER C 22 22.70 12.09 3.64
CA SER C 22 21.89 12.01 4.90
C SER C 22 20.53 12.69 4.68
N GLU C 23 20.58 13.93 4.18
CA GLU C 23 19.37 14.72 3.88
C GLU C 23 19.19 14.87 2.35
N HIS C 24 19.74 13.93 1.59
CA HIS C 24 19.68 14.01 0.13
C HIS C 24 18.82 12.88 -0.45
N GLU C 25 17.94 12.34 0.37
CA GLU C 25 16.96 11.36 -0.08
C GLU C 25 16.21 11.86 -1.29
N ARG C 26 15.94 10.96 -2.23
CA ARG C 26 15.25 11.31 -3.46
C ARG C 26 14.01 10.45 -3.70
N THR C 27 12.97 11.04 -4.28
CA THR C 27 11.79 10.28 -4.67
C THR C 27 11.33 10.64 -6.07
N PHE C 28 10.64 9.70 -6.72
CA PHE C 28 10.06 9.95 -8.04
C PHE C 28 8.60 10.35 -7.91
N VAL C 29 8.23 11.41 -8.62
CA VAL C 29 6.88 11.95 -8.56
C VAL C 29 6.44 12.30 -9.98
N MET C 30 5.20 11.98 -10.32
CA MET C 30 4.73 12.35 -11.66
C MET C 30 3.29 12.84 -11.74
N VAL C 31 3.10 13.92 -12.50
CA VAL C 31 1.77 14.40 -12.81
C VAL C 31 1.15 13.48 -13.88
N LYS C 32 0.23 12.62 -13.46
CA LYS C 32 -0.44 11.72 -14.38
C LYS C 32 -1.16 12.52 -15.49
N PRO C 33 -1.60 11.85 -16.57
CA PRO C 33 -2.25 12.53 -17.69
C PRO C 33 -3.52 13.34 -17.36
N ASP C 34 -4.22 13.00 -16.30
CA ASP C 34 -5.40 13.77 -15.90
C ASP C 34 -4.99 15.13 -15.32
N GLY C 35 -3.88 15.13 -14.56
CA GLY C 35 -3.34 16.37 -13.98
C GLY C 35 -2.71 17.30 -14.99
N VAL C 36 -2.05 16.71 -15.99
CA VAL C 36 -1.44 17.50 -17.06
C VAL C 36 -2.52 18.12 -17.93
N GLN C 37 -3.54 17.34 -18.26
CA GLN C 37 -4.65 17.82 -19.07
C GLN C 37 -5.43 18.93 -18.38
N ARG C 38 -5.59 18.82 -17.07
CA ARG C 38 -6.41 19.78 -16.32
C ARG C 38 -5.61 21.00 -15.84
N GLY C 39 -4.32 21.05 -16.18
CA GLY C 39 -3.50 22.25 -15.96
C GLY C 39 -3.19 22.50 -14.50
N LEU C 40 -2.50 21.53 -13.89
CA LEU C 40 -2.14 21.56 -12.48
C LEU C 40 -0.64 21.33 -12.24
N ILE C 41 0.15 21.25 -13.32
CA ILE C 41 1.60 21.06 -13.20
C ILE C 41 2.21 22.14 -12.31
N GLY C 42 1.86 23.39 -12.58
CA GLY C 42 2.40 24.51 -11.85
C GLY C 42 1.93 24.55 -10.41
N ASP C 43 0.68 24.20 -10.18
CA ASP C 43 0.10 24.20 -8.84
C ASP C 43 0.80 23.15 -7.98
N ILE C 44 1.15 22.04 -8.59
CA ILE C 44 1.74 20.89 -7.90
C ILE C 44 3.22 21.10 -7.63
N VAL C 45 3.94 21.63 -8.63
CA VAL C 45 5.36 21.92 -8.49
C VAL C 45 5.57 22.95 -7.36
N SER C 46 4.68 23.94 -7.31
CA SER C 46 4.72 24.98 -6.29
C SER C 46 4.63 24.40 -4.89
N ARG C 47 3.72 23.45 -4.67
CA ARG C 47 3.58 22.83 -3.35
C ARG C 47 4.89 22.18 -2.90
N PHE C 48 5.56 21.49 -3.82
CA PHE C 48 6.89 20.90 -3.54
C PHE C 48 7.97 21.97 -3.32
N GLU C 49 8.00 22.99 -4.18
CA GLU C 49 8.86 24.16 -4.00
C GLU C 49 8.57 24.92 -2.69
N ASP C 50 7.30 25.23 -2.43
CA ASP C 50 6.86 25.85 -1.16
C ASP C 50 7.33 25.02 0.03
N ARG C 51 7.36 23.71 -0.16
CA ARG C 51 7.78 22.78 0.88
C ARG C 51 9.26 22.90 1.20
N GLY C 52 10.02 23.38 0.23
CA GLY C 52 11.48 23.42 0.34
C GLY C 52 12.09 22.18 -0.30
N LEU C 53 11.25 21.35 -0.90
CA LEU C 53 11.73 20.20 -1.68
C LEU C 53 12.47 20.69 -2.91
N LYS C 54 13.55 20.00 -3.24
CA LYS C 54 14.43 20.44 -4.33
C LYS C 54 14.19 19.62 -5.58
N MET C 55 13.95 20.29 -6.70
CA MET C 55 13.84 19.60 -7.96
C MET C 55 15.25 19.26 -8.45
N VAL C 56 15.44 18.01 -8.85
CA VAL C 56 16.73 17.55 -9.35
C VAL C 56 16.54 16.76 -10.65
N GLY C 57 15.27 16.52 -10.99
CA GLY C 57 14.91 15.88 -12.26
C GLY C 57 13.56 16.38 -12.70
N GLY C 58 13.40 16.63 -13.99
CA GLY C 58 12.14 17.10 -14.56
C GLY C 58 12.04 16.80 -16.04
N LYS C 59 11.00 16.08 -16.43
CA LYS C 59 10.87 15.64 -17.82
C LYS C 59 9.42 15.55 -18.26
N PHE C 60 9.02 16.43 -19.16
CA PHE C 60 7.72 16.32 -19.83
C PHE C 60 7.88 15.33 -20.99
N MET C 61 7.06 14.28 -20.97
CA MET C 61 7.23 13.14 -21.88
C MET C 61 5.93 12.37 -22.07
N GLN C 62 5.90 11.52 -23.09
CA GLN C 62 4.82 10.54 -23.31
C GLN C 62 5.38 9.14 -23.01
N ILE C 63 4.81 8.49 -22.00
CA ILE C 63 5.22 7.14 -21.62
C ILE C 63 4.83 6.17 -22.73
N ASP C 64 5.81 5.38 -23.21
CA ASP C 64 5.54 4.38 -24.25
C ASP C 64 5.00 3.11 -23.61
N GLN C 65 4.45 2.22 -24.43
CA GLN C 65 3.87 0.96 -23.94
C GLN C 65 4.77 0.21 -22.99
N GLU C 66 5.94 -0.23 -23.47
CA GLU C 66 6.83 -1.06 -22.66
C GLU C 66 7.06 -0.49 -21.27
N LEU C 67 7.46 0.80 -21.21
CA LEU C 67 7.70 1.47 -19.94
C LEU C 67 6.48 1.45 -19.01
N ALA C 68 5.31 1.81 -19.54
CA ALA C 68 4.04 1.69 -18.82
C ALA C 68 3.87 0.31 -18.19
N GLU C 69 4.22 -0.73 -18.95
CA GLU C 69 4.11 -2.10 -18.47
C GLU C 69 5.20 -2.51 -17.50
N GLU C 70 6.40 -1.94 -17.64
CA GLU C 70 7.46 -2.22 -16.65
C GLU C 70 7.20 -1.47 -15.33
N HIS C 71 6.55 -0.30 -15.43
CA HIS C 71 6.24 0.51 -14.26
C HIS C 71 5.20 -0.17 -13.35
N TYR C 72 4.18 -0.75 -13.97
CA TYR C 72 3.14 -1.47 -13.26
C TYR C 72 3.32 -2.99 -13.30
N GLY C 73 4.55 -3.42 -13.46
CA GLY C 73 4.88 -4.84 -13.60
C GLY C 73 4.25 -5.76 -12.58
N GLU C 74 4.23 -5.31 -11.31
CA GLU C 74 3.65 -6.09 -10.21
C GLU C 74 2.17 -6.43 -10.41
N HIS C 75 1.50 -5.70 -11.30
CA HIS C 75 0.09 -5.91 -11.56
C HIS C 75 -0.21 -6.63 -12.88
N GLU C 76 0.83 -7.23 -13.48
CA GLU C 76 0.74 -7.83 -14.81
C GLU C 76 -0.37 -8.90 -14.93
N ASP C 77 -0.48 -9.73 -13.90
CA ASP C 77 -1.43 -10.85 -13.89
C ASP C 77 -2.84 -10.46 -13.50
N LYS C 78 -3.07 -9.17 -13.25
CA LYS C 78 -4.34 -8.71 -12.70
C LYS C 78 -5.28 -8.11 -13.76
N PRO C 79 -6.60 -8.23 -13.54
CA PRO C 79 -7.66 -7.68 -14.40
C PRO C 79 -7.53 -6.21 -14.81
N PHE C 80 -7.08 -5.36 -13.89
CA PHE C 80 -7.09 -3.92 -14.14
C PHE C 80 -5.89 -3.41 -14.93
N PHE C 81 -4.86 -4.26 -15.06
CA PHE C 81 -3.60 -3.96 -15.75
C PHE C 81 -3.75 -3.17 -17.06
N ASP C 82 -4.54 -3.70 -17.99
CA ASP C 82 -4.71 -3.06 -19.29
C ASP C 82 -5.26 -1.64 -19.12
N GLY C 83 -6.20 -1.46 -18.19
CA GLY C 83 -6.75 -0.14 -17.94
C GLY C 83 -5.71 0.83 -17.42
N LEU C 84 -4.89 0.34 -16.50
CA LEU C 84 -3.83 1.11 -15.86
C LEU C 84 -2.75 1.55 -16.87
N VAL C 85 -2.38 0.64 -17.77
CA VAL C 85 -1.46 0.94 -18.86
C VAL C 85 -2.08 1.95 -19.83
N ASP C 86 -3.31 1.69 -20.25
CA ASP C 86 -4.00 2.57 -21.21
C ASP C 86 -4.13 4.01 -20.74
N PHE C 87 -4.42 4.20 -19.45
CA PHE C 87 -4.58 5.55 -18.91
C PHE C 87 -3.25 6.31 -18.83
N ILE C 88 -2.24 5.71 -18.20
CA ILE C 88 -0.94 6.34 -18.09
C ILE C 88 -0.32 6.63 -19.46
N THR C 89 -0.92 6.04 -20.48
CA THR C 89 -0.40 6.06 -21.83
C THR C 89 -1.21 7.05 -22.69
N SER C 90 -2.38 7.42 -22.19
CA SER C 90 -3.38 8.18 -22.96
C SER C 90 -3.02 9.64 -23.17
N GLY C 91 -2.21 10.19 -22.26
CA GLY C 91 -1.70 11.57 -22.39
C GLY C 91 -0.29 11.70 -21.85
N PRO C 92 0.33 12.87 -22.07
CA PRO C 92 1.67 13.12 -21.50
C PRO C 92 1.66 13.27 -19.98
N VAL C 93 2.78 12.92 -19.37
CA VAL C 93 2.97 13.10 -17.95
C VAL C 93 4.02 14.17 -17.71
N PHE C 94 4.14 14.60 -16.45
CA PHE C 94 5.29 15.40 -16.04
C PHE C 94 5.99 14.65 -14.94
N ALA C 95 7.08 14.01 -15.32
CA ALA C 95 7.84 13.16 -14.44
C ALA C 95 8.97 13.96 -13.83
N MET C 96 9.11 13.85 -12.52
CA MET C 96 10.14 14.60 -11.82
C MET C 96 10.76 13.83 -10.67
N VAL C 97 11.88 14.36 -10.16
CA VAL C 97 12.50 13.83 -8.95
C VAL C 97 12.65 14.96 -7.92
N TRP C 98 12.43 14.67 -6.65
CA TRP C 98 12.56 15.70 -5.63
C TRP C 98 13.58 15.30 -4.58
N GLU C 99 14.27 16.29 -4.05
CA GLU C 99 15.27 16.02 -3.02
C GLU C 99 14.98 16.78 -1.73
N GLY C 100 15.07 16.04 -0.64
CA GLY C 100 14.86 16.58 0.70
C GLY C 100 14.97 15.46 1.70
N GLN C 101 15.07 15.80 2.99
CA GLN C 101 15.06 14.77 4.02
C GLN C 101 13.66 14.19 4.19
N ASP C 102 13.60 12.87 4.34
CA ASP C 102 12.36 12.10 4.41
C ASP C 102 11.50 12.34 3.17
N ALA C 103 12.14 12.62 2.05
CA ALA C 103 11.45 12.97 0.80
C ALA C 103 10.32 12.01 0.41
N THR C 104 10.59 10.70 0.48
CA THR C 104 9.66 9.71 -0.06
C THR C 104 8.35 9.69 0.71
N ARG C 105 8.47 9.69 2.03
CA ARG C 105 7.31 9.72 2.90
C ARG C 105 6.56 11.06 2.84
N GLN C 106 7.31 12.17 2.88
CA GLN C 106 6.70 13.49 2.89
C GLN C 106 5.85 13.74 1.65
N VAL C 107 6.32 13.32 0.49
CA VAL C 107 5.54 13.47 -0.75
C VAL C 107 4.25 12.66 -0.70
N ARG C 108 4.32 11.46 -0.11
CA ARG C 108 3.15 10.61 0.00
C ARG C 108 2.07 11.18 0.91
N THR C 109 2.51 11.77 2.02
CA THR C 109 1.61 12.45 2.92
C THR C 109 0.93 13.62 2.20
N MET C 110 1.73 14.39 1.46
CA MET C 110 1.26 15.54 0.69
C MET C 110 0.23 15.22 -0.39
N MET C 111 0.33 14.03 -0.98
CA MET C 111 -0.57 13.64 -2.05
C MET C 111 -1.93 13.23 -1.50
N GLY C 112 -1.91 12.61 -0.33
CA GLY C 112 -3.12 12.05 0.26
C GLY C 112 -3.15 10.53 0.19
N GLU C 113 -4.35 9.99 0.24
CA GLU C 113 -4.52 8.57 0.11
C GLU C 113 -4.61 8.25 -1.37
N THR C 114 -4.44 7.00 -1.74
CA THR C 114 -4.61 6.58 -3.13
C THR C 114 -5.93 7.11 -3.70
N ASP C 115 -7.02 6.87 -2.99
CA ASP C 115 -8.32 7.41 -3.36
C ASP C 115 -8.43 8.89 -2.97
N PRO C 116 -8.69 9.77 -3.96
CA PRO C 116 -9.03 11.16 -3.65
C PRO C 116 -10.27 11.24 -2.75
N ALA C 117 -11.23 10.36 -2.99
CA ALA C 117 -12.46 10.36 -2.24
C ALA C 117 -12.23 9.98 -0.76
N GLU C 118 -10.99 9.65 -0.42
CA GLU C 118 -10.64 9.36 0.98
C GLU C 118 -9.61 10.36 1.50
N SER C 119 -9.29 11.36 0.69
CA SER C 119 -8.22 12.29 1.04
C SER C 119 -8.75 13.58 1.65
N ALA C 120 -7.97 14.13 2.57
CA ALA C 120 -8.34 15.35 3.29
C ALA C 120 -8.07 16.59 2.44
N PRO C 121 -8.80 17.68 2.70
CA PRO C 121 -8.45 18.91 2.00
C PRO C 121 -7.06 19.36 2.45
N GLY C 122 -6.30 19.91 1.52
CA GLY C 122 -4.90 20.27 1.77
C GLY C 122 -3.96 19.35 1.02
N THR C 123 -4.36 18.09 0.86
CA THR C 123 -3.60 17.14 0.04
C THR C 123 -3.88 17.43 -1.42
N ILE C 124 -2.92 17.09 -2.26
CA ILE C 124 -3.04 17.29 -3.69
C ILE C 124 -4.31 16.58 -4.20
N ARG C 125 -4.54 15.37 -3.72
CA ARG C 125 -5.65 14.58 -4.22
C ARG C 125 -7.00 14.98 -3.64
N GLY C 126 -7.03 15.35 -2.36
CA GLY C 126 -8.24 15.87 -1.74
C GLY C 126 -8.69 17.20 -2.31
N ASP C 127 -7.75 17.99 -2.83
CA ASP C 127 -8.07 19.29 -3.41
C ASP C 127 -8.40 19.26 -4.91
N TYR C 128 -7.88 18.28 -5.66
CA TYR C 128 -7.95 18.28 -7.11
C TYR C 128 -8.64 17.08 -7.75
N GLY C 129 -8.66 15.95 -7.07
CA GLY C 129 -9.18 14.71 -7.65
C GLY C 129 -10.56 14.35 -7.17
N LEU C 130 -11.20 13.41 -7.86
CA LEU C 130 -12.50 12.90 -7.42
C LEU C 130 -12.66 11.39 -7.50
N ASP C 131 -11.94 10.74 -8.41
CA ASP C 131 -12.11 9.30 -8.67
C ASP C 131 -10.83 8.50 -8.47
N LEU C 132 -10.99 7.28 -7.97
CA LEU C 132 -9.87 6.44 -7.61
C LEU C 132 -8.91 6.19 -8.77
N GLY C 133 -9.45 6.03 -9.99
CA GLY C 133 -8.65 5.68 -11.17
C GLY C 133 -7.98 6.85 -11.88
N ARG C 134 -8.39 8.06 -11.50
CA ARG C 134 -7.82 9.29 -12.06
C ARG C 134 -7.50 10.21 -10.91
N ASN C 135 -6.40 9.89 -10.23
CA ASN C 135 -5.99 10.51 -8.98
C ASN C 135 -4.77 11.41 -9.15
N VAL C 136 -4.78 12.13 -10.28
CA VAL C 136 -3.81 13.18 -10.66
C VAL C 136 -2.30 12.88 -10.65
N ILE C 137 -1.84 12.11 -9.67
CA ILE C 137 -0.43 12.13 -9.34
C ILE C 137 0.05 10.82 -8.74
N HIS C 138 1.25 10.40 -9.14
CA HIS C 138 1.92 9.29 -8.46
C HIS C 138 3.17 9.78 -7.74
N GLY C 139 3.49 9.16 -6.62
CA GLY C 139 4.72 9.41 -5.90
C GLY C 139 5.18 8.11 -5.28
N SER C 140 6.49 7.89 -5.24
CA SER C 140 7.04 6.60 -4.81
C SER C 140 6.60 6.26 -3.41
N ASP C 141 6.36 4.99 -3.16
CA ASP C 141 5.85 4.51 -1.90
C ASP C 141 7.01 4.21 -0.97
N HIS C 142 7.02 4.87 0.17
CA HIS C 142 8.11 4.72 1.14
C HIS C 142 8.07 3.39 1.89
N GLU C 143 6.88 2.81 2.00
CA GLU C 143 6.72 1.52 2.70
C GLU C 143 7.38 0.40 1.90
N ASP C 144 7.42 0.58 0.58
CA ASP C 144 8.09 -0.34 -0.31
C ASP C 144 9.57 0.00 -0.40
N GLU C 145 10.36 -0.62 0.47
CA GLU C 145 11.78 -0.27 0.69
C GLU C 145 12.65 -0.36 -0.57
N GLY C 146 13.04 0.81 -1.07
CA GLY C 146 13.96 0.88 -2.20
C GLY C 146 13.24 1.25 -3.48
N ALA C 147 11.93 1.39 -3.40
CA ALA C 147 11.10 1.69 -4.56
C ALA C 147 11.48 3.03 -5.21
N ASN C 148 11.59 4.06 -4.37
CA ASN C 148 11.95 5.39 -4.86
C ASN C 148 13.11 5.31 -5.87
N GLU C 149 14.24 4.76 -5.43
CA GLU C 149 15.41 4.60 -6.30
C GLU C 149 15.13 3.78 -7.57
N ARG C 150 14.37 2.70 -7.46
CA ARG C 150 13.98 1.91 -8.62
C ARG C 150 13.16 2.72 -9.64
N GLU C 151 12.20 3.51 -9.15
CA GLU C 151 11.38 4.35 -10.03
C GLU C 151 12.15 5.56 -10.59
N ILE C 152 13.15 6.04 -9.84
CA ILE C 152 14.12 7.00 -10.39
C ILE C 152 14.86 6.35 -11.58
N GLU C 153 15.52 5.22 -11.32
CA GLU C 153 16.30 4.46 -12.31
C GLU C 153 15.54 4.25 -13.61
N LEU C 154 14.31 3.80 -13.45
CA LEU C 154 13.43 3.43 -14.53
C LEU C 154 13.11 4.60 -15.45
N PHE C 155 12.89 5.77 -14.86
CA PHE C 155 12.43 6.93 -15.62
C PHE C 155 13.54 7.87 -16.08
N PHE C 156 14.65 7.86 -15.34
CA PHE C 156 15.74 8.81 -15.56
C PHE C 156 17.09 8.11 -15.55
N ASP C 157 17.94 8.45 -16.52
CA ASP C 157 19.35 8.08 -16.49
C ASP C 157 20.09 9.20 -15.75
N GLU C 158 21.19 8.86 -15.08
CA GLU C 158 21.97 9.81 -14.27
C GLU C 158 22.31 11.18 -14.91
N ASP C 159 22.33 11.23 -16.25
CA ASP C 159 22.54 12.46 -17.02
C ASP C 159 21.49 13.52 -16.75
N GLU C 160 20.25 13.07 -16.59
CA GLU C 160 19.10 13.95 -16.50
C GLU C 160 18.87 14.39 -15.05
N LEU C 161 19.73 13.94 -14.16
CA LEU C 161 19.65 14.33 -12.76
C LEU C 161 20.72 15.36 -12.44
N VAL C 162 20.30 16.47 -11.82
CA VAL C 162 21.21 17.57 -11.55
C VAL C 162 21.62 17.62 -10.08
N ASP C 163 22.92 17.62 -9.85
CA ASP C 163 23.45 17.78 -8.52
C ASP C 163 23.68 19.27 -8.34
N TRP C 164 22.92 19.89 -7.44
CA TRP C 164 23.05 21.33 -7.18
C TRP C 164 22.62 21.64 -5.76
N ASP C 165 23.02 22.82 -5.27
CA ASP C 165 22.68 23.27 -3.93
C ASP C 165 21.74 24.46 -3.99
N GLN C 166 20.58 24.31 -3.36
CA GLN C 166 19.53 25.32 -3.42
C GLN C 166 19.58 26.21 -2.21
N ILE C 167 19.66 27.51 -2.48
CA ILE C 167 19.44 28.60 -1.52
C ILE C 167 18.86 28.17 -0.14
N ASP C 168 17.66 27.60 -0.12
CA ASP C 168 16.98 27.35 1.17
C ASP C 168 17.57 26.22 2.02
N SER C 169 18.44 25.42 1.41
CA SER C 169 19.12 24.29 2.07
C SER C 169 19.68 24.61 3.47
N SER C 170 20.40 25.73 3.61
CA SER C 170 20.98 26.09 4.91
C SER C 170 19.96 26.61 5.94
N TRP C 171 18.73 26.87 5.52
CA TRP C 171 17.69 27.28 6.48
C TRP C 171 16.61 26.22 6.67
N LEU C 172 16.80 25.10 5.98
CA LEU C 172 15.83 24.03 5.91
C LEU C 172 16.23 22.90 6.87
N TYR C 173 17.54 22.66 6.98
CA TYR C 173 18.11 21.63 7.87
C TYR C 173 19.34 22.19 8.57
N GLU C 174 19.59 21.77 9.81
CA GLU C 174 20.90 22.01 10.43
C GLU C 174 21.73 20.73 10.36
N SER D 22 5.43 -36.89 30.65
CA SER D 22 4.50 -35.86 30.10
C SER D 22 5.27 -34.68 29.48
N GLU D 23 4.54 -33.72 28.89
CA GLU D 23 5.09 -32.43 28.32
C GLU D 23 4.78 -32.22 26.84
N HIS D 24 5.05 -33.24 26.04
CA HIS D 24 4.63 -33.26 24.64
C HIS D 24 3.31 -34.03 24.45
N GLU D 25 2.56 -34.21 25.53
CA GLU D 25 1.24 -34.84 25.47
C GLU D 25 0.23 -33.96 24.70
N ARG D 26 -0.62 -34.62 23.89
CA ARG D 26 -1.61 -33.93 23.06
C ARG D 26 -3.04 -34.41 23.31
N THR D 27 -3.99 -33.53 23.05
CA THR D 27 -5.40 -33.89 23.10
C THR D 27 -6.19 -33.20 22.02
N PHE D 28 -7.34 -33.80 21.67
CA PHE D 28 -8.25 -33.21 20.70
C PHE D 28 -9.33 -32.42 21.41
N VAL D 29 -9.53 -31.20 20.94
CA VAL D 29 -10.48 -30.27 21.55
C VAL D 29 -11.22 -29.59 20.42
N MET D 30 -12.49 -29.29 20.66
CA MET D 30 -13.35 -28.90 19.58
C MET D 30 -14.42 -27.97 20.09
N VAL D 31 -14.42 -26.74 19.60
CA VAL D 31 -15.58 -25.88 19.79
C VAL D 31 -16.72 -26.47 18.96
N LYS D 32 -17.79 -26.87 19.63
CA LYS D 32 -18.95 -27.48 18.99
C LYS D 32 -19.77 -26.41 18.28
N PRO D 33 -20.75 -26.82 17.46
CA PRO D 33 -21.47 -25.85 16.63
C PRO D 33 -22.21 -24.77 17.42
N ASP D 34 -22.49 -25.03 18.70
CA ASP D 34 -23.17 -24.02 19.52
C ASP D 34 -22.20 -22.91 19.93
N GLY D 35 -20.97 -23.31 20.22
CA GLY D 35 -19.92 -22.36 20.57
C GLY D 35 -19.50 -21.57 19.36
N VAL D 36 -19.46 -22.23 18.21
CA VAL D 36 -19.12 -21.52 16.99
C VAL D 36 -20.16 -20.44 16.69
N GLN D 37 -21.44 -20.84 16.70
CA GLN D 37 -22.54 -19.93 16.39
C GLN D 37 -22.55 -18.74 17.34
N ARG D 38 -22.42 -19.03 18.63
CA ARG D 38 -22.54 -17.98 19.64
C ARG D 38 -21.28 -17.07 19.78
N GLY D 39 -20.24 -17.34 18.98
CA GLY D 39 -19.07 -16.44 18.85
C GLY D 39 -18.02 -16.56 19.94
N LEU D 40 -17.68 -17.80 20.30
CA LEU D 40 -16.76 -18.09 21.40
C LEU D 40 -15.46 -18.82 20.98
N ILE D 41 -14.99 -18.68 19.74
CA ILE D 41 -13.74 -19.33 19.35
C ILE D 41 -12.56 -18.66 20.05
N GLY D 42 -12.50 -17.34 19.88
CA GLY D 42 -11.44 -16.55 20.48
C GLY D 42 -11.37 -16.77 21.98
N ASP D 43 -12.50 -16.54 22.65
CA ASP D 43 -12.54 -16.63 24.09
C ASP D 43 -11.93 -17.95 24.58
N ILE D 44 -12.29 -19.06 23.93
CA ILE D 44 -11.85 -20.40 24.32
C ILE D 44 -10.36 -20.65 23.99
N VAL D 45 -9.90 -20.11 22.87
CA VAL D 45 -8.53 -20.34 22.46
C VAL D 45 -7.61 -19.51 23.34
N SER D 46 -8.09 -18.32 23.74
CA SER D 46 -7.40 -17.43 24.69
C SER D 46 -7.19 -18.12 26.04
N ARG D 47 -8.16 -18.94 26.47
CA ARG D 47 -8.00 -19.66 27.74
C ARG D 47 -6.89 -20.71 27.69
N PHE D 48 -6.80 -21.44 26.57
CA PHE D 48 -5.74 -22.43 26.35
C PHE D 48 -4.36 -21.79 26.10
N GLU D 49 -4.32 -20.71 25.33
CA GLU D 49 -3.09 -19.94 25.18
C GLU D 49 -2.64 -19.33 26.49
N ASP D 50 -3.55 -18.74 27.26
CA ASP D 50 -3.20 -18.16 28.56
C ASP D 50 -2.54 -19.21 29.46
N ARG D 51 -3.03 -20.43 29.34
CA ARG D 51 -2.61 -21.55 30.17
C ARG D 51 -1.19 -22.09 29.88
N GLY D 52 -0.66 -21.74 28.70
CA GLY D 52 0.63 -22.27 28.26
C GLY D 52 0.54 -23.46 27.31
N LEU D 53 -0.65 -24.05 27.21
CA LEU D 53 -0.92 -25.07 26.23
C LEU D 53 -0.63 -24.52 24.85
N LYS D 54 -0.04 -25.37 24.00
CA LYS D 54 0.43 -24.96 22.70
C LYS D 54 -0.43 -25.57 21.60
N MET D 55 -0.92 -24.74 20.70
CA MET D 55 -1.68 -25.22 19.56
C MET D 55 -0.77 -25.88 18.55
N VAL D 56 -1.09 -27.11 18.19
CA VAL D 56 -0.33 -27.81 17.13
C VAL D 56 -1.25 -28.32 16.02
N GLY D 57 -2.55 -28.14 16.23
CA GLY D 57 -3.56 -28.38 15.21
C GLY D 57 -4.71 -27.42 15.41
N GLY D 58 -5.19 -26.84 14.31
CA GLY D 58 -6.38 -26.01 14.29
C GLY D 58 -7.04 -26.03 12.92
N LYS D 59 -8.36 -26.24 12.89
CA LYS D 59 -9.09 -26.44 11.63
C LYS D 59 -10.60 -26.09 11.69
N PHE D 60 -10.99 -25.07 10.95
CA PHE D 60 -12.40 -24.72 10.84
C PHE D 60 -13.06 -25.57 9.76
N MET D 61 -14.00 -26.41 10.17
CA MET D 61 -14.54 -27.44 9.29
C MET D 61 -16.02 -27.80 9.53
N GLN D 62 -16.59 -28.51 8.58
CA GLN D 62 -17.96 -29.01 8.68
C GLN D 62 -17.89 -30.53 8.70
N ILE D 63 -18.13 -31.12 9.87
CA ILE D 63 -18.18 -32.57 10.00
C ILE D 63 -19.30 -33.14 9.15
N ASP D 64 -19.00 -34.22 8.43
CA ASP D 64 -19.98 -34.96 7.63
C ASP D 64 -20.57 -36.13 8.42
N GLN D 65 -21.52 -36.83 7.80
CA GLN D 65 -22.15 -38.00 8.42
C GLN D 65 -21.11 -39.05 8.79
N GLU D 66 -20.30 -39.45 7.82
CA GLU D 66 -19.31 -40.54 8.03
C GLU D 66 -18.48 -40.25 9.29
N LEU D 67 -17.97 -39.04 9.39
CA LEU D 67 -17.12 -38.65 10.50
C LEU D 67 -17.89 -38.54 11.81
N ALA D 68 -19.07 -37.91 11.78
CA ALA D 68 -19.91 -37.80 12.96
C ALA D 68 -20.26 -39.17 13.54
N GLU D 69 -20.73 -40.09 12.69
CA GLU D 69 -21.10 -41.44 13.13
C GLU D 69 -19.92 -42.30 13.58
N GLU D 70 -18.77 -42.07 12.96
CA GLU D 70 -17.53 -42.70 13.41
C GLU D 70 -17.10 -42.13 14.78
N HIS D 71 -17.24 -40.81 14.96
CA HIS D 71 -16.93 -40.18 16.26
C HIS D 71 -17.80 -40.67 17.42
N TYR D 72 -19.10 -40.83 17.18
CA TYR D 72 -20.00 -41.29 18.23
C TYR D 72 -20.37 -42.78 18.11
N GLY D 73 -19.42 -43.59 17.63
CA GLY D 73 -19.66 -45.01 17.36
C GLY D 73 -20.09 -45.81 18.57
N GLU D 74 -19.52 -45.46 19.72
CA GLU D 74 -19.90 -46.08 20.99
C GLU D 74 -21.40 -45.90 21.31
N HIS D 75 -22.04 -44.95 20.63
CA HIS D 75 -23.46 -44.64 20.87
C HIS D 75 -24.39 -45.09 19.74
N GLU D 76 -23.90 -45.96 18.87
CA GLU D 76 -24.66 -46.47 17.71
C GLU D 76 -26.05 -47.00 18.00
N ASP D 77 -26.14 -47.87 19.01
CA ASP D 77 -27.39 -48.56 19.34
C ASP D 77 -28.29 -47.73 20.24
N LYS D 78 -27.75 -46.66 20.81
CA LYS D 78 -28.52 -45.78 21.66
C LYS D 78 -29.53 -44.95 20.86
N PRO D 79 -30.75 -44.82 21.41
CA PRO D 79 -31.81 -44.01 20.83
C PRO D 79 -31.39 -42.58 20.45
N PHE D 80 -30.62 -41.93 21.32
CA PHE D 80 -30.25 -40.52 21.13
C PHE D 80 -29.18 -40.26 20.05
N PHE D 81 -28.60 -41.33 19.52
CA PHE D 81 -27.54 -41.27 18.51
C PHE D 81 -27.82 -40.34 17.31
N ASP D 82 -28.97 -40.50 16.67
CA ASP D 82 -29.25 -39.70 15.47
C ASP D 82 -29.34 -38.19 15.78
N GLY D 83 -29.91 -37.84 16.94
CA GLY D 83 -30.02 -36.43 17.36
C GLY D 83 -28.66 -35.82 17.61
N LEU D 84 -27.79 -36.63 18.20
CA LEU D 84 -26.40 -36.27 18.46
C LEU D 84 -25.63 -36.02 17.17
N VAL D 85 -25.84 -36.88 16.17
CA VAL D 85 -25.22 -36.72 14.85
C VAL D 85 -25.76 -35.49 14.16
N ASP D 86 -27.06 -35.23 14.30
CA ASP D 86 -27.67 -34.08 13.64
C ASP D 86 -27.15 -32.75 14.19
N PHE D 87 -26.92 -32.67 15.50
CA PHE D 87 -26.43 -31.42 16.10
C PHE D 87 -24.99 -31.11 15.70
N ILE D 88 -24.13 -32.11 15.82
CA ILE D 88 -22.70 -31.95 15.52
C ILE D 88 -22.53 -31.74 14.01
N THR D 89 -23.64 -31.95 13.30
CA THR D 89 -23.75 -31.77 11.87
C THR D 89 -24.38 -30.42 11.49
N SER D 90 -25.12 -29.82 12.43
CA SER D 90 -25.96 -28.65 12.11
C SER D 90 -25.20 -27.41 11.65
N GLY D 91 -23.92 -27.34 12.00
CA GLY D 91 -23.08 -26.20 11.68
C GLY D 91 -21.61 -26.52 11.99
N PRO D 92 -20.69 -25.66 11.50
CA PRO D 92 -19.28 -25.96 11.49
C PRO D 92 -18.66 -25.91 12.86
N VAL D 93 -17.60 -26.70 13.02
CA VAL D 93 -16.85 -26.76 14.26
C VAL D 93 -15.47 -26.14 14.08
N PHE D 94 -14.81 -25.86 15.20
CA PHE D 94 -13.39 -25.54 15.19
C PHE D 94 -12.64 -26.59 15.97
N ALA D 95 -11.99 -27.48 15.25
CA ALA D 95 -11.24 -28.58 15.83
C ALA D 95 -9.82 -28.17 16.10
N MET D 96 -9.31 -28.59 17.25
CA MET D 96 -7.99 -28.21 17.69
C MET D 96 -7.22 -29.41 18.23
N VAL D 97 -5.89 -29.33 18.15
CA VAL D 97 -4.98 -30.18 18.94
C VAL D 97 -4.11 -29.26 19.83
N TRP D 98 -4.05 -29.56 21.12
CA TRP D 98 -3.29 -28.73 22.08
C TRP D 98 -2.19 -29.54 22.73
N GLU D 99 -1.04 -28.90 22.97
CA GLU D 99 0.10 -29.62 23.53
C GLU D 99 0.61 -29.02 24.82
N GLY D 100 0.90 -29.89 25.78
CA GLY D 100 1.49 -29.47 27.03
C GLY D 100 1.46 -30.60 28.04
N GLN D 101 2.23 -30.45 29.12
CA GLN D 101 2.21 -31.40 30.23
C GLN D 101 0.79 -31.63 30.73
N ASP D 102 0.41 -32.90 30.78
CA ASP D 102 -0.88 -33.35 31.30
C ASP D 102 -2.06 -32.64 30.63
N ALA D 103 -1.88 -32.27 29.36
CA ALA D 103 -2.88 -31.54 28.59
C ALA D 103 -4.28 -32.16 28.64
N THR D 104 -4.34 -33.49 28.52
CA THR D 104 -5.62 -34.18 28.38
C THR D 104 -6.51 -33.99 29.61
N ARG D 105 -5.94 -34.26 30.79
CA ARG D 105 -6.66 -34.02 32.03
C ARG D 105 -6.93 -32.53 32.18
N GLN D 106 -5.91 -31.71 31.95
CA GLN D 106 -6.02 -30.27 32.20
C GLN D 106 -7.17 -29.61 31.41
N VAL D 107 -7.28 -29.96 30.12
CA VAL D 107 -8.34 -29.40 29.28
C VAL D 107 -9.70 -29.81 29.85
N ARG D 108 -9.78 -31.04 30.33
CA ARG D 108 -11.04 -31.51 30.89
C ARG D 108 -11.43 -30.82 32.21
N THR D 109 -10.43 -30.50 33.03
CA THR D 109 -10.67 -29.68 34.21
C THR D 109 -11.16 -28.29 33.80
N MET D 110 -10.55 -27.71 32.78
CA MET D 110 -10.87 -26.38 32.28
C MET D 110 -12.28 -26.23 31.71
N MET D 111 -12.77 -27.28 31.07
CA MET D 111 -14.05 -27.24 30.39
C MET D 111 -15.20 -27.34 31.38
N GLY D 112 -14.97 -28.06 32.47
CA GLY D 112 -15.98 -28.28 33.49
C GLY D 112 -16.47 -29.70 33.54
N GLU D 113 -17.69 -29.88 34.01
CA GLU D 113 -18.30 -31.18 33.96
C GLU D 113 -19.00 -31.29 32.61
N THR D 114 -19.42 -32.50 32.25
CA THR D 114 -20.13 -32.70 31.01
C THR D 114 -21.36 -31.79 30.93
N ASP D 115 -22.17 -31.79 31.99
CA ASP D 115 -23.27 -30.87 32.12
C ASP D 115 -22.78 -29.48 32.56
N PRO D 116 -23.03 -28.43 31.74
CA PRO D 116 -22.75 -27.05 32.15
C PRO D 116 -23.50 -26.58 33.40
N ALA D 117 -24.66 -27.17 33.66
CA ALA D 117 -25.46 -26.78 34.81
C ALA D 117 -24.94 -27.43 36.10
N GLU D 118 -23.88 -28.22 35.99
CA GLU D 118 -23.22 -28.81 37.16
C GLU D 118 -21.77 -28.34 37.21
N SER D 119 -21.45 -27.35 36.38
CA SER D 119 -20.10 -26.81 36.24
C SER D 119 -19.89 -25.50 37.03
N ALA D 120 -18.67 -25.34 37.54
CA ALA D 120 -18.31 -24.21 38.39
C ALA D 120 -17.89 -22.99 37.57
N PRO D 121 -18.23 -21.79 38.06
CA PRO D 121 -17.82 -20.60 37.32
C PRO D 121 -16.31 -20.60 37.21
N GLY D 122 -15.80 -20.22 36.04
CA GLY D 122 -14.37 -20.33 35.77
C GLY D 122 -14.06 -21.43 34.77
N THR D 123 -14.90 -22.45 34.72
CA THR D 123 -14.82 -23.45 33.65
C THR D 123 -15.47 -22.91 32.40
N ILE D 124 -15.12 -23.49 31.26
CA ILE D 124 -15.65 -23.02 29.98
C ILE D 124 -17.18 -23.16 29.97
N ARG D 125 -17.66 -24.34 30.35
CA ARG D 125 -19.08 -24.63 30.31
C ARG D 125 -19.82 -23.85 31.42
N GLY D 126 -19.19 -23.74 32.60
CA GLY D 126 -19.74 -22.97 33.69
C GLY D 126 -19.93 -21.49 33.41
N ASP D 127 -19.17 -20.96 32.48
CA ASP D 127 -19.21 -19.53 32.13
C ASP D 127 -20.04 -19.25 30.89
N TYR D 128 -20.17 -20.24 30.01
CA TYR D 128 -20.74 -20.03 28.68
C TYR D 128 -21.94 -20.91 28.32
N GLY D 129 -22.24 -21.92 29.15
CA GLY D 129 -23.26 -22.89 28.79
C GLY D 129 -24.41 -23.03 29.77
N LEU D 130 -25.49 -23.67 29.32
CA LEU D 130 -26.68 -23.89 30.14
C LEU D 130 -27.28 -25.30 30.04
N ASP D 131 -27.27 -25.89 28.84
CA ASP D 131 -27.93 -27.18 28.59
C ASP D 131 -26.94 -28.33 28.47
N LEU D 132 -27.31 -29.47 29.03
CA LEU D 132 -26.49 -30.68 28.93
C LEU D 132 -26.10 -31.00 27.47
N GLY D 133 -27.07 -30.98 26.56
CA GLY D 133 -26.83 -31.35 25.16
C GLY D 133 -26.36 -30.25 24.23
N ARG D 134 -26.01 -29.10 24.81
CA ARG D 134 -25.56 -27.96 24.04
C ARG D 134 -24.46 -27.29 24.87
N ASN D 135 -23.33 -27.99 25.03
CA ASN D 135 -22.31 -27.65 26.00
C ASN D 135 -21.04 -27.05 25.41
N VAL D 136 -21.24 -26.34 24.30
CA VAL D 136 -20.24 -25.50 23.66
C VAL D 136 -18.92 -26.17 23.16
N ILE D 137 -18.47 -27.21 23.81
CA ILE D 137 -17.12 -27.72 23.54
C ILE D 137 -16.92 -29.22 23.81
N HIS D 138 -15.92 -29.81 23.16
CA HIS D 138 -15.52 -31.20 23.46
C HIS D 138 -14.01 -31.34 23.67
N GLY D 139 -13.64 -32.17 24.64
CA GLY D 139 -12.23 -32.49 24.87
C GLY D 139 -12.02 -33.96 25.15
N SER D 140 -10.97 -34.53 24.57
CA SER D 140 -10.68 -35.97 24.73
C SER D 140 -10.70 -36.38 26.20
N ASP D 141 -11.34 -37.50 26.48
CA ASP D 141 -11.41 -38.04 27.83
C ASP D 141 -10.08 -38.68 28.21
N HIS D 142 -9.46 -38.14 29.26
CA HIS D 142 -8.22 -38.68 29.82
C HIS D 142 -8.41 -40.02 30.53
N GLU D 143 -9.64 -40.33 30.92
CA GLU D 143 -9.90 -41.58 31.60
C GLU D 143 -10.16 -42.74 30.64
N ASP D 144 -10.36 -42.41 29.37
CA ASP D 144 -10.44 -43.39 28.28
C ASP D 144 -9.05 -43.53 27.62
N GLU D 145 -8.21 -44.41 28.15
CA GLU D 145 -6.80 -44.43 27.75
C GLU D 145 -6.62 -44.58 26.23
N GLY D 146 -5.91 -43.62 25.64
CA GLY D 146 -5.68 -43.62 24.21
C GLY D 146 -6.70 -42.82 23.44
N ALA D 147 -7.75 -42.34 24.11
CA ALA D 147 -8.83 -41.60 23.46
C ALA D 147 -8.31 -40.39 22.70
N ASN D 148 -7.42 -39.63 23.34
CA ASN D 148 -6.87 -38.45 22.71
C ASN D 148 -6.23 -38.75 21.36
N GLU D 149 -5.45 -39.83 21.29
CA GLU D 149 -4.79 -40.23 20.05
C GLU D 149 -5.79 -40.60 18.95
N ARG D 150 -6.78 -41.42 19.29
CA ARG D 150 -7.78 -41.86 18.33
C ARG D 150 -8.52 -40.65 17.75
N GLU D 151 -8.89 -39.73 18.63
CA GLU D 151 -9.64 -38.55 18.24
C GLU D 151 -8.78 -37.66 17.35
N ILE D 152 -7.52 -37.47 17.74
CA ILE D 152 -6.59 -36.69 16.92
C ILE D 152 -6.45 -37.30 15.52
N GLU D 153 -6.13 -38.59 15.44
CA GLU D 153 -5.91 -39.20 14.12
C GLU D 153 -7.18 -39.20 13.27
N LEU D 154 -8.32 -39.27 13.96
CA LEU D 154 -9.63 -39.23 13.32
C LEU D 154 -9.89 -37.90 12.64
N PHE D 155 -9.44 -36.80 13.25
CA PHE D 155 -9.73 -35.46 12.73
C PHE D 155 -8.60 -34.84 11.93
N PHE D 156 -7.37 -35.19 12.27
CA PHE D 156 -6.22 -34.64 11.58
C PHE D 156 -5.36 -35.72 10.94
N ASP D 157 -4.94 -35.48 9.70
CA ASP D 157 -3.85 -36.24 9.11
C ASP D 157 -2.53 -35.71 9.68
N GLU D 158 -1.54 -36.59 9.83
CA GLU D 158 -0.23 -36.20 10.36
C GLU D 158 0.35 -34.90 9.78
N ASP D 159 0.14 -34.67 8.48
CA ASP D 159 0.60 -33.45 7.82
C ASP D 159 -0.07 -32.17 8.33
N GLU D 160 -1.29 -32.27 8.86
CA GLU D 160 -2.03 -31.12 9.37
C GLU D 160 -1.51 -30.68 10.74
N LEU D 161 -0.69 -31.53 11.37
CA LEU D 161 -0.12 -31.22 12.67
C LEU D 161 1.25 -30.55 12.50
N VAL D 162 1.63 -29.73 13.49
CA VAL D 162 2.80 -28.86 13.38
C VAL D 162 3.74 -29.01 14.57
N ASP D 163 4.97 -29.40 14.27
CA ASP D 163 6.02 -29.53 15.25
C ASP D 163 6.70 -28.18 15.38
N TRP D 164 6.62 -27.58 16.56
CA TRP D 164 7.35 -26.34 16.85
C TRP D 164 7.69 -26.22 18.33
N ASP D 165 8.37 -25.13 18.67
CA ASP D 165 8.68 -24.82 20.05
C ASP D 165 8.17 -23.43 20.34
N GLN D 166 7.29 -23.34 21.33
CA GLN D 166 6.77 -22.04 21.72
C GLN D 166 7.67 -21.43 22.78
N ILE D 167 8.18 -20.26 22.45
CA ILE D 167 8.66 -19.26 23.39
C ILE D 167 8.37 -19.59 24.87
N ASP D 168 7.09 -19.76 25.22
CA ASP D 168 6.64 -20.05 26.59
C ASP D 168 7.29 -21.27 27.25
N SER D 169 7.48 -22.32 26.44
CA SER D 169 7.89 -23.65 26.91
C SER D 169 9.07 -23.65 27.89
N SER D 170 10.08 -22.84 27.62
CA SER D 170 11.25 -22.79 28.49
C SER D 170 10.97 -22.24 29.90
N TRP D 171 9.84 -21.54 30.04
CA TRP D 171 9.44 -20.99 31.35
C TRP D 171 8.21 -21.70 31.93
N LEU D 172 7.60 -22.58 31.15
CA LEU D 172 6.47 -23.37 31.62
C LEU D 172 6.89 -24.67 32.29
N TYR D 173 8.03 -25.21 31.85
CA TYR D 173 8.50 -26.53 32.31
C TYR D 173 9.91 -26.48 32.90
N GLU D 174 10.17 -27.34 33.87
CA GLU D 174 11.44 -27.29 34.61
C GLU D 174 12.70 -27.45 33.73
#